data_3VQZ
#
_entry.id   3VQZ
#
_cell.length_a   67.029
_cell.length_b   67.029
_cell.length_c   46.792
_cell.angle_alpha   90.00
_cell.angle_beta   90.00
_cell.angle_gamma   120.00
#
_symmetry.space_group_name_H-M   'P 31'
#
loop_
_entity.id
_entity.type
_entity.pdbx_description
1 polymer Metallo-beta-lactamase
2 non-polymer 'ZINC ION'
3 non-polymer 'SODIUM ION'
4 non-polymer 'SULFANYLACETIC ACID'
5 water water
#
_entity_poly.entity_id   1
_entity_poly.type   'polypeptide(L)'
_entity_poly.pdbx_seq_one_letter_code
;QDRDWSSPQQPFTIYGNTHYVGTGGISAVLLSSPQGHILVDGTTEKGAQVVAANIRAMGFKLSDVKYILSTHSHEDHAGG
ISAMQKLTGATVLAGAANVDTLRTGVSPKSDPQFGSLSNFPGSAKVRAVADGELVKLGPLAVKAHATPGHTEGGITWTWQ
SCEQGKCKDVVFADSLTAVSADSYRFSDHPEVVASLRGSFEAVEKLSCDIAIAAHPEVNDMWTRQQRAAKEGNSAYVDNG
ACRAIAAAGRKRLETRLASEKR
;
_entity_poly.pdbx_strand_id   A
#
loop_
_chem_comp.id
_chem_comp.type
_chem_comp.name
_chem_comp.formula
MCR non-polymer 'SULFANYLACETIC ACID' 'C2 H4 O2 S'
NA non-polymer 'SODIUM ION' 'Na 1'
ZN non-polymer 'ZINC ION' 'Zn 2'
#
# COMPACT_ATOMS: atom_id res chain seq x y z
N ARG A 3 -3.36 16.32 -8.40
CA ARG A 3 -3.21 14.95 -7.81
C ARG A 3 -2.51 15.01 -6.46
N ASP A 4 -3.13 15.79 -5.57
CA ASP A 4 -2.72 15.96 -4.19
C ASP A 4 -3.07 14.70 -3.40
N TRP A 5 -2.37 14.48 -2.28
CA TRP A 5 -2.57 13.26 -1.47
C TRP A 5 -3.98 13.03 -1.01
N SER A 6 -4.77 14.10 -0.91
CA SER A 6 -6.14 14.01 -0.41
C SER A 6 -7.22 14.28 -1.46
N SER A 7 -6.84 14.40 -2.72
CA SER A 7 -7.77 14.86 -3.76
C SER A 7 -8.78 13.80 -4.19
N PRO A 8 -10.04 14.22 -4.47
CA PRO A 8 -11.03 13.28 -4.97
C PRO A 8 -10.57 12.58 -6.23
N GLN A 9 -11.01 11.34 -6.41
CA GLN A 9 -10.63 10.52 -7.55
C GLN A 9 -11.78 9.52 -7.78
N GLN A 10 -12.40 9.58 -8.95
CA GLN A 10 -13.45 8.63 -9.31
C GLN A 10 -12.88 7.19 -9.31
N PRO A 11 -13.46 6.31 -8.50
CA PRO A 11 -12.89 4.95 -8.35
C PRO A 11 -13.10 4.09 -9.60
N PHE A 12 -12.44 2.94 -9.67
CA PHE A 12 -12.49 2.12 -10.86
C PHE A 12 -11.97 0.72 -10.57
N THR A 13 -12.42 -0.25 -11.34
CA THR A 13 -11.88 -1.58 -11.24
C THR A 13 -10.52 -1.67 -11.90
N ILE A 14 -9.56 -2.25 -11.19
CA ILE A 14 -8.25 -2.51 -11.77
C ILE A 14 -8.29 -3.86 -12.49
N TYR A 15 -8.71 -4.90 -11.76
CA TYR A 15 -8.77 -6.24 -12.33
C TYR A 15 -9.65 -7.16 -11.52
N GLY A 16 -10.70 -7.69 -12.15
CA GLY A 16 -11.62 -8.64 -11.50
C GLY A 16 -12.24 -7.98 -10.27
N ASN A 17 -11.92 -8.52 -9.08
CA ASN A 17 -12.40 -7.99 -7.81
C ASN A 17 -11.42 -7.04 -7.11
N THR A 18 -10.40 -6.58 -7.84
CA THR A 18 -9.44 -5.58 -7.36
C THR A 18 -9.87 -4.20 -7.88
N HIS A 19 -10.23 -3.32 -6.93
CA HIS A 19 -10.71 -1.98 -7.27
C HIS A 19 -9.87 -0.89 -6.63
N TYR A 20 -9.59 0.17 -7.39
CA TYR A 20 -8.91 1.34 -6.86
C TYR A 20 -9.93 2.29 -6.20
N VAL A 21 -9.76 2.54 -4.91
CA VAL A 21 -10.67 3.42 -4.17
C VAL A 21 -9.92 4.57 -3.49
N GLY A 22 -8.64 4.75 -3.84
CA GLY A 22 -7.81 5.79 -3.24
C GLY A 22 -8.08 7.21 -3.74
N THR A 23 -7.15 8.10 -3.39
CA THR A 23 -7.22 9.50 -3.75
C THR A 23 -6.47 9.70 -5.07
N GLY A 24 -6.42 10.93 -5.57
CA GLY A 24 -5.64 11.21 -6.78
C GLY A 24 -4.13 10.98 -6.61
N GLY A 25 -3.64 11.04 -5.38
CA GLY A 25 -2.21 10.90 -5.12
C GLY A 25 -1.74 9.70 -4.30
N ILE A 26 -2.66 9.05 -3.58
CA ILE A 26 -2.33 7.87 -2.75
C ILE A 26 -3.26 6.69 -3.07
N SER A 27 -2.66 5.53 -3.32
CA SER A 27 -3.42 4.31 -3.61
C SER A 27 -4.11 3.77 -2.38
N ALA A 28 -5.35 3.34 -2.61
CA ALA A 28 -6.06 2.52 -1.68
C ALA A 28 -6.82 1.54 -2.56
N VAL A 29 -6.85 0.28 -2.17
CA VAL A 29 -7.46 -0.76 -2.99
C VAL A 29 -8.51 -1.54 -2.20
N LEU A 30 -9.69 -1.73 -2.81
CA LEU A 30 -10.71 -2.58 -2.23
C LEU A 30 -10.72 -3.91 -2.94
N LEU A 31 -10.49 -4.99 -2.19
CA LEU A 31 -10.56 -6.35 -2.72
C LEU A 31 -11.88 -6.96 -2.27
N SER A 32 -12.79 -7.15 -3.22
CA SER A 32 -14.18 -7.44 -2.88
C SER A 32 -14.52 -8.92 -2.99
N SER A 33 -15.54 -9.33 -2.22
CA SER A 33 -16.13 -10.64 -2.38
C SER A 33 -17.57 -10.62 -1.84
N PRO A 34 -18.41 -11.59 -2.27
CA PRO A 34 -19.76 -11.61 -1.71
C PRO A 34 -19.74 -11.89 -0.19
N GLN A 35 -18.58 -12.30 0.32
CA GLN A 35 -18.42 -12.56 1.77
C GLN A 35 -17.91 -11.37 2.56
N GLY A 36 -17.57 -10.27 1.88
CA GLY A 36 -16.91 -9.16 2.56
C GLY A 36 -15.64 -8.77 1.86
N HIS A 37 -15.09 -7.63 2.26
CA HIS A 37 -14.02 -6.98 1.53
C HIS A 37 -12.82 -6.68 2.37
N ILE A 38 -11.68 -6.59 1.71
CA ILE A 38 -10.43 -6.16 2.33
C ILE A 38 -10.03 -4.82 1.72
N LEU A 39 -9.80 -3.82 2.57
CA LEU A 39 -9.27 -2.54 2.13
C LEU A 39 -7.77 -2.45 2.40
N VAL A 40 -7.00 -1.99 1.40
CA VAL A 40 -5.57 -1.79 1.59
C VAL A 40 -5.28 -0.30 1.66
N ASP A 41 -4.85 0.16 2.84
CA ASP A 41 -4.44 1.55 3.14
C ASP A 41 -5.63 2.50 3.32
N GLY A 42 -5.42 3.64 3.96
CA GLY A 42 -6.50 4.60 4.23
C GLY A 42 -6.29 5.98 3.64
N THR A 43 -5.15 6.17 2.96
CA THR A 43 -4.66 7.47 2.49
C THR A 43 -4.49 8.45 3.70
N THR A 44 -4.74 9.75 3.49
CA THR A 44 -4.52 10.75 4.54
C THR A 44 -5.74 10.82 5.43
N GLU A 45 -5.64 11.57 6.51
CA GLU A 45 -6.80 11.86 7.35
C GLU A 45 -7.91 12.52 6.52
N LYS A 46 -7.56 13.52 5.72
CA LYS A 46 -8.55 14.18 4.84
C LYS A 46 -9.03 13.21 3.76
N GLY A 47 -8.15 12.32 3.33
CA GLY A 47 -8.44 11.37 2.25
C GLY A 47 -9.37 10.23 2.63
N ALA A 48 -9.49 9.95 3.92
CA ALA A 48 -10.46 8.97 4.41
C ALA A 48 -11.88 9.20 3.87
N GLN A 49 -12.30 10.46 3.81
CA GLN A 49 -13.62 10.82 3.27
C GLN A 49 -13.75 10.47 1.79
N VAL A 50 -12.66 10.62 1.04
CA VAL A 50 -12.62 10.22 -0.35
C VAL A 50 -12.72 8.67 -0.46
N VAL A 51 -11.93 7.95 0.32
CA VAL A 51 -11.95 6.48 0.32
C VAL A 51 -13.34 5.94 0.66
N ALA A 52 -13.96 6.52 1.70
CA ALA A 52 -15.32 6.14 2.09
C ALA A 52 -16.33 6.39 0.96
N ALA A 53 -16.29 7.60 0.39
CA ALA A 53 -17.15 7.93 -0.75
C ALA A 53 -16.90 6.95 -1.91
N ASN A 54 -15.64 6.65 -2.18
CA ASN A 54 -15.27 5.79 -3.32
C ASN A 54 -15.74 4.33 -3.19
N ILE A 55 -15.63 3.76 -2.00
CA ILE A 55 -16.14 2.39 -1.74
C ILE A 55 -17.64 2.33 -2.02
N ARG A 56 -18.37 3.35 -1.56
CA ARG A 56 -19.81 3.44 -1.79
C ARG A 56 -20.16 3.68 -3.26
N ALA A 57 -19.40 4.55 -3.94
CA ALA A 57 -19.57 4.76 -5.39
C ALA A 57 -19.32 3.51 -6.24
N MET A 58 -18.46 2.60 -5.76
CA MET A 58 -18.27 1.32 -6.44
C MET A 58 -19.44 0.36 -6.19
N GLY A 59 -20.35 0.75 -5.31
CA GLY A 59 -21.53 -0.06 -5.01
C GLY A 59 -21.36 -1.04 -3.86
N PHE A 60 -20.47 -0.72 -2.92
CA PHE A 60 -20.24 -1.58 -1.77
C PHE A 60 -20.65 -0.88 -0.48
N LYS A 61 -20.81 -1.65 0.60
CA LYS A 61 -21.19 -1.13 1.92
C LYS A 61 -19.97 -1.13 2.84
N LEU A 62 -19.80 -0.03 3.59
CA LEU A 62 -18.65 0.12 4.47
C LEU A 62 -18.59 -0.97 5.56
N SER A 63 -19.75 -1.37 6.06
CA SER A 63 -19.78 -2.41 7.10
C SER A 63 -19.34 -3.79 6.60
N ASP A 64 -19.25 -3.97 5.27
CA ASP A 64 -18.73 -5.22 4.69
C ASP A 64 -17.20 -5.32 4.57
N VAL A 65 -16.50 -4.21 4.89
CA VAL A 65 -15.04 -4.22 4.95
C VAL A 65 -14.62 -4.79 6.30
N LYS A 66 -14.00 -5.97 6.30
CA LYS A 66 -13.68 -6.69 7.56
C LYS A 66 -12.24 -6.50 7.99
N TYR A 67 -11.40 -6.17 7.02
CA TYR A 67 -9.97 -5.97 7.24
C TYR A 67 -9.49 -4.71 6.56
N ILE A 68 -8.60 -3.96 7.24
CA ILE A 68 -7.82 -2.90 6.62
C ILE A 68 -6.33 -3.26 6.71
N LEU A 69 -5.69 -3.39 5.57
CA LEU A 69 -4.26 -3.72 5.57
C LEU A 69 -3.43 -2.47 5.38
N SER A 70 -2.33 -2.37 6.12
CA SER A 70 -1.44 -1.21 6.05
C SER A 70 -0.11 -1.60 5.47
N THR A 71 0.32 -0.88 4.43
CA THR A 71 1.64 -1.07 3.82
C THR A 71 2.68 -0.55 4.81
N HIS A 72 2.69 0.76 5.02
CA HIS A 72 3.56 1.38 6.02
C HIS A 72 2.91 2.55 6.69
N SER A 73 3.37 2.84 7.90
CA SER A 73 2.71 3.81 8.79
C SER A 73 3.25 5.23 8.67
N HIS A 74 3.14 5.82 7.48
CA HIS A 74 3.32 7.26 7.29
C HIS A 74 1.98 7.88 7.07
N GLU A 75 1.88 9.18 7.35
CA GLU A 75 0.59 9.89 7.40
C GLU A 75 -0.19 9.85 6.09
N ASP A 76 0.52 9.76 4.98
CA ASP A 76 -0.12 9.80 3.67
C ASP A 76 -0.85 8.50 3.31
N HIS A 77 -0.46 7.37 3.91
CA HIS A 77 -1.09 6.05 3.65
C HIS A 77 -1.94 5.58 4.78
N ALA A 78 -1.58 5.99 6.00
CA ALA A 78 -2.18 5.48 7.21
C ALA A 78 -3.01 6.53 7.93
N GLY A 79 -2.87 7.79 7.51
CA GLY A 79 -3.54 8.90 8.16
C GLY A 79 -5.05 8.70 8.23
N GLY A 80 -5.60 8.08 7.18
CA GLY A 80 -7.02 7.86 7.08
C GLY A 80 -7.54 6.55 7.64
N ILE A 81 -6.63 5.68 8.07
CA ILE A 81 -7.02 4.35 8.56
C ILE A 81 -7.92 4.39 9.82
N SER A 82 -7.63 5.27 10.77
CA SER A 82 -8.46 5.38 11.99
C SER A 82 -9.93 5.65 11.63
N ALA A 83 -10.16 6.66 10.81
CA ALA A 83 -11.52 6.97 10.33
C ALA A 83 -12.15 5.79 9.59
N MET A 84 -11.37 5.15 8.72
CA MET A 84 -11.89 4.00 7.97
C MET A 84 -12.21 2.86 8.92
N GLN A 85 -11.39 2.70 9.95
CA GLN A 85 -11.60 1.64 10.93
C GLN A 85 -12.92 1.89 11.68
N LYS A 86 -13.17 3.15 12.05
CA LYS A 86 -14.41 3.54 12.69
C LYS A 86 -15.64 3.33 11.79
N LEU A 87 -15.52 3.69 10.51
CA LEU A 87 -16.64 3.56 9.59
C LEU A 87 -16.99 2.12 9.26
N THR A 88 -15.98 1.23 9.30
CA THR A 88 -16.17 -0.15 8.88
C THR A 88 -16.32 -1.14 10.03
N GLY A 89 -15.64 -0.87 11.15
CA GLY A 89 -15.50 -1.85 12.24
C GLY A 89 -14.45 -2.91 11.91
N ALA A 90 -13.61 -2.62 10.91
CA ALA A 90 -12.61 -3.58 10.44
C ALA A 90 -11.51 -3.81 11.45
N THR A 91 -10.81 -4.94 11.31
CA THR A 91 -9.54 -5.12 12.00
C THR A 91 -8.44 -4.61 11.09
N VAL A 92 -7.47 -3.92 11.69
CA VAL A 92 -6.31 -3.37 10.99
C VAL A 92 -5.10 -4.29 11.15
N LEU A 93 -4.47 -4.63 10.04
CA LEU A 93 -3.33 -5.52 10.04
C LEU A 93 -2.12 -4.78 9.54
N ALA A 94 -1.00 -4.98 10.22
CA ALA A 94 0.25 -4.31 9.88
C ALA A 94 1.47 -5.13 10.31
N GLY A 95 2.63 -4.83 9.72
CA GLY A 95 3.90 -5.44 10.17
C GLY A 95 4.16 -5.10 11.64
N ALA A 96 4.75 -6.05 12.37
CA ALA A 96 4.94 -5.94 13.83
C ALA A 96 5.48 -4.57 14.25
N ALA A 97 6.46 -4.08 13.49
CA ALA A 97 7.19 -2.87 13.86
C ALA A 97 6.45 -1.56 13.64
N ASN A 98 5.38 -1.57 12.83
CA ASN A 98 4.57 -0.35 12.61
C ASN A 98 3.29 -0.34 13.42
N VAL A 99 2.98 -1.47 14.06
CA VAL A 99 1.76 -1.63 14.85
C VAL A 99 1.54 -0.46 15.82
N ASP A 100 2.57 -0.12 16.58
CA ASP A 100 2.40 0.91 17.61
C ASP A 100 2.26 2.31 17.05
N THR A 101 2.93 2.57 15.93
CA THR A 101 2.72 3.81 15.19
C THR A 101 1.25 3.95 14.78
N LEU A 102 0.62 2.86 14.35
CA LEU A 102 -0.78 2.88 13.92
C LEU A 102 -1.77 3.04 15.09
N ARG A 103 -1.45 2.43 16.23
CA ARG A 103 -2.27 2.55 17.44
C ARG A 103 -2.22 3.95 18.04
N THR A 104 -1.07 4.61 17.93
CA THR A 104 -0.85 5.92 18.55
C THR A 104 -0.81 7.10 17.58
N GLY A 105 -0.29 6.87 16.38
CA GLY A 105 -0.13 7.94 15.39
C GLY A 105 1.25 8.57 15.41
N VAL A 106 2.09 8.10 16.34
CA VAL A 106 3.44 8.64 16.53
C VAL A 106 4.48 7.63 16.07
N SER A 107 5.35 8.03 15.14
CA SER A 107 6.43 7.17 14.64
C SER A 107 7.53 6.84 15.66
N PRO A 108 8.25 5.72 15.47
CA PRO A 108 9.44 5.45 16.28
C PRO A 108 10.66 6.25 15.79
N LYS A 109 11.63 6.47 16.66
CA LYS A 109 12.80 7.31 16.34
C LYS A 109 13.63 6.75 15.18
N SER A 110 13.51 5.44 14.96
CA SER A 110 14.18 4.73 13.86
C SER A 110 13.65 5.12 12.47
N ASP A 111 12.37 5.52 12.42
CA ASP A 111 11.65 5.85 11.17
C ASP A 111 12.27 7.05 10.47
N PRO A 112 12.63 6.89 9.17
CA PRO A 112 13.20 7.98 8.37
C PRO A 112 12.35 9.28 8.34
N GLN A 113 11.04 9.15 8.54
CA GLN A 113 10.15 10.31 8.57
C GLN A 113 9.60 10.58 9.97
N PHE A 114 10.28 10.04 10.98
CA PHE A 114 9.98 10.33 12.38
C PHE A 114 10.05 11.83 12.62
N GLY A 115 9.13 12.35 13.43
CA GLY A 115 9.04 13.78 13.72
C GLY A 115 8.11 14.49 12.77
N SER A 118 5.19 13.56 10.20
CA SER A 118 4.29 14.07 11.23
C SER A 118 3.25 13.05 11.72
N ASN A 119 2.67 13.34 12.88
CA ASN A 119 1.67 12.48 13.51
C ASN A 119 0.34 12.43 12.76
N PHE A 120 -0.58 11.61 13.28
CA PHE A 120 -1.93 11.42 12.72
C PHE A 120 -2.79 10.62 13.71
N PRO A 121 -4.12 10.58 13.49
CA PRO A 121 -4.98 9.85 14.45
C PRO A 121 -4.63 8.36 14.60
N GLY A 122 -4.58 7.90 15.84
CA GLY A 122 -4.31 6.50 16.15
C GLY A 122 -5.55 5.67 15.91
N SER A 123 -5.35 4.41 15.54
CA SER A 123 -6.45 3.55 15.19
C SER A 123 -6.71 2.50 16.26
N ALA A 124 -7.98 2.17 16.47
CA ALA A 124 -8.35 1.02 17.28
C ALA A 124 -8.14 -0.26 16.46
N LYS A 125 -8.17 -1.41 17.16
CA LYS A 125 -8.23 -2.75 16.57
C LYS A 125 -7.11 -3.08 15.60
N VAL A 126 -5.89 -2.68 15.96
CA VAL A 126 -4.69 -3.02 15.20
C VAL A 126 -4.07 -4.31 15.77
N ARG A 127 -3.65 -5.19 14.88
CA ARG A 127 -2.77 -6.30 15.27
C ARG A 127 -1.76 -6.65 14.18
N ALA A 128 -0.66 -7.27 14.61
CA ALA A 128 0.47 -7.61 13.76
C ALA A 128 0.20 -8.83 12.90
N VAL A 129 0.72 -8.82 11.67
CA VAL A 129 0.82 -10.01 10.83
C VAL A 129 2.25 -10.54 10.83
N ALA A 130 2.40 -11.84 10.60
CA ALA A 130 3.73 -12.43 10.46
C ALA A 130 4.12 -12.35 8.99
N ASP A 131 5.43 -12.23 8.74
CA ASP A 131 5.95 -12.35 7.39
C ASP A 131 5.44 -13.69 6.86
N GLY A 132 4.91 -13.68 5.64
CA GLY A 132 4.37 -14.89 5.02
C GLY A 132 2.96 -15.27 5.44
N GLU A 133 2.41 -14.59 6.44
CA GLU A 133 1.06 -14.90 6.92
C GLU A 133 -0.04 -14.67 5.85
N LEU A 134 -0.98 -15.60 5.77
CA LEU A 134 -2.11 -15.52 4.84
C LEU A 134 -3.32 -14.91 5.53
N VAL A 135 -3.81 -13.80 4.98
CA VAL A 135 -4.99 -13.15 5.53
C VAL A 135 -6.18 -13.68 4.75
N LYS A 136 -7.17 -14.22 5.46
CA LYS A 136 -8.26 -14.93 4.81
C LYS A 136 -9.64 -14.34 5.08
N LEU A 137 -10.43 -14.18 4.02
CA LEU A 137 -11.82 -13.78 4.15
C LEU A 137 -12.64 -14.40 2.99
N GLY A 138 -13.41 -15.45 3.31
CA GLY A 138 -14.18 -16.19 2.31
C GLY A 138 -13.27 -16.68 1.20
N PRO A 139 -13.57 -16.29 -0.06
CA PRO A 139 -12.72 -16.70 -1.17
C PRO A 139 -11.39 -15.93 -1.22
N LEU A 140 -11.20 -14.93 -0.36
CA LEU A 140 -10.03 -14.04 -0.44
C LEU A 140 -8.87 -14.56 0.38
N ALA A 141 -7.67 -14.47 -0.20
CA ALA A 141 -6.43 -14.84 0.47
C ALA A 141 -5.30 -13.88 0.09
N VAL A 142 -4.88 -13.08 1.05
CA VAL A 142 -3.88 -12.06 0.82
C VAL A 142 -2.67 -12.43 1.64
N LYS A 143 -1.49 -12.44 1.01
CA LYS A 143 -0.25 -12.81 1.68
C LYS A 143 0.58 -11.57 2.03
N ALA A 144 1.08 -11.55 3.26
CA ALA A 144 1.99 -10.51 3.73
C ALA A 144 3.46 -10.86 3.41
N HIS A 145 4.19 -9.89 2.89
CA HIS A 145 5.62 -10.04 2.65
C HIS A 145 6.32 -8.91 3.33
N ALA A 146 7.21 -9.21 4.26
CA ALA A 146 7.99 -8.17 4.93
C ALA A 146 8.83 -7.43 3.90
N THR A 147 8.62 -6.13 3.75
CA THR A 147 9.49 -5.31 2.89
C THR A 147 9.95 -4.05 3.66
N PRO A 148 10.83 -4.23 4.66
CA PRO A 148 11.22 -3.10 5.51
C PRO A 148 12.25 -2.19 4.85
N GLY A 149 12.51 -1.05 5.49
CA GLY A 149 13.54 -0.12 5.02
C GLY A 149 13.03 1.31 4.90
N HIS A 150 11.95 1.50 4.15
CA HIS A 150 11.29 2.80 4.10
C HIS A 150 10.63 3.04 5.44
N THR A 151 10.08 1.98 6.02
CA THR A 151 9.76 1.90 7.45
C THR A 151 10.17 0.50 7.86
N GLU A 152 10.27 0.29 9.17
CA GLU A 152 10.68 -1.00 9.71
C GLU A 152 9.60 -2.07 9.58
N GLY A 153 8.33 -1.66 9.57
CA GLY A 153 7.24 -2.63 9.52
C GLY A 153 6.51 -2.72 8.20
N GLY A 154 7.15 -2.22 7.14
CA GLY A 154 6.58 -2.20 5.80
C GLY A 154 6.17 -3.59 5.32
N ILE A 155 4.93 -3.71 4.82
CA ILE A 155 4.44 -4.95 4.24
C ILE A 155 3.95 -4.70 2.83
N THR A 156 4.41 -5.56 1.93
CA THR A 156 3.90 -5.63 0.57
C THR A 156 2.91 -6.81 0.55
N TRP A 157 1.73 -6.59 -0.05
CA TRP A 157 0.62 -7.52 0.01
C TRP A 157 0.33 -8.12 -1.36
N THR A 158 0.11 -9.43 -1.42
CA THR A 158 -0.17 -10.07 -2.71
C THR A 158 -1.41 -10.95 -2.68
N TRP A 159 -2.06 -11.07 -3.84
CA TRP A 159 -3.20 -11.96 -4.01
C TRP A 159 -3.40 -12.26 -5.47
N GLN A 160 -4.43 -13.06 -5.78
CA GLN A 160 -4.85 -13.19 -7.17
C GLN A 160 -6.30 -12.79 -7.39
N SER A 161 -6.51 -12.08 -8.50
CA SER A 161 -7.84 -11.70 -8.97
C SER A 161 -8.06 -12.26 -10.37
N CYS A 162 -9.31 -12.63 -10.65
CA CYS A 162 -9.64 -13.29 -11.90
C CYS A 162 -10.72 -12.50 -12.60
N GLU A 163 -10.46 -12.21 -13.87
CA GLU A 163 -11.42 -11.53 -14.70
C GLU A 163 -11.75 -12.43 -15.88
N GLN A 164 -13.04 -12.74 -16.03
CA GLN A 164 -13.53 -13.64 -17.07
C GLN A 164 -12.65 -14.89 -17.23
N GLY A 165 -12.32 -15.51 -16.10
CA GLY A 165 -11.57 -16.77 -16.08
C GLY A 165 -10.07 -16.61 -16.14
N LYS A 166 -9.61 -15.37 -16.34
CA LYS A 166 -8.17 -15.12 -16.48
C LYS A 166 -7.65 -14.59 -15.16
N CYS A 167 -6.88 -15.42 -14.45
CA CYS A 167 -6.36 -15.07 -13.12
C CYS A 167 -4.98 -14.46 -13.22
N LYS A 168 -4.78 -13.37 -12.47
CA LYS A 168 -3.50 -12.67 -12.44
C LYS A 168 -3.00 -12.47 -11.01
N ASP A 169 -1.68 -12.54 -10.81
CA ASP A 169 -1.08 -12.23 -9.52
C ASP A 169 -0.96 -10.72 -9.29
N VAL A 170 -1.61 -10.22 -8.25
CA VAL A 170 -1.63 -8.79 -7.95
C VAL A 170 -0.70 -8.50 -6.78
N VAL A 171 0.03 -7.38 -6.86
CA VAL A 171 0.95 -6.98 -5.81
C VAL A 171 0.63 -5.55 -5.43
N PHE A 172 0.20 -5.33 -4.18
CA PHE A 172 0.13 -3.98 -3.67
C PHE A 172 1.51 -3.67 -3.07
N ALA A 173 2.31 -2.92 -3.82
CA ALA A 173 3.71 -2.75 -3.48
C ALA A 173 3.92 -1.57 -2.52
N ASP A 174 4.43 -1.89 -1.33
CA ASP A 174 4.88 -0.86 -0.40
C ASP A 174 6.04 -0.07 -1.01
N SER A 175 6.26 1.14 -0.49
CA SER A 175 7.36 2.01 -0.93
C SER A 175 8.74 1.46 -0.59
N LEU A 176 9.64 1.55 -1.55
CA LEU A 176 11.01 1.08 -1.40
C LEU A 176 11.96 2.28 -1.53
N THR A 177 11.48 3.45 -1.10
CA THR A 177 12.15 4.72 -1.35
C THR A 177 13.02 5.19 -0.18
N ALA A 178 14.28 5.47 -0.49
CA ALA A 178 15.19 6.08 0.47
C ALA A 178 14.93 7.60 0.51
N VAL A 179 13.79 7.97 1.11
CA VAL A 179 13.43 9.35 1.38
C VAL A 179 13.11 9.47 2.87
N SER A 180 13.27 10.67 3.43
CA SER A 180 13.15 10.87 4.86
C SER A 180 12.86 12.34 5.20
N ALA A 181 12.88 12.67 6.49
CA ALA A 181 13.01 14.06 6.91
C ALA A 181 14.36 14.61 6.43
N ASP A 182 14.42 15.91 6.17
CA ASP A 182 15.64 16.59 5.71
C ASP A 182 16.89 16.33 6.55
N SER A 183 16.72 16.15 7.87
CA SER A 183 17.86 15.91 8.75
C SER A 183 18.25 14.44 8.90
N TYR A 184 17.40 13.53 8.42
CA TYR A 184 17.70 12.10 8.56
C TYR A 184 18.71 11.64 7.51
N ARG A 185 19.64 10.79 7.95
CA ARG A 185 20.69 10.31 7.07
C ARG A 185 20.71 8.78 7.00
N PHE A 186 20.55 8.27 5.78
CA PHE A 186 20.60 6.82 5.57
C PHE A 186 22.02 6.32 5.80
N SER A 187 23.00 7.18 5.51
CA SER A 187 24.41 6.91 5.84
C SER A 187 24.62 6.61 7.32
N ASP A 188 23.79 7.17 8.21
CA ASP A 188 23.91 6.91 9.65
C ASP A 188 23.08 5.72 10.12
N HIS A 189 22.42 5.02 9.20
CA HIS A 189 21.53 3.91 9.56
C HIS A 189 21.72 2.68 8.70
N PRO A 190 22.90 2.02 8.82
CA PRO A 190 23.26 0.92 7.89
C PRO A 190 22.28 -0.24 7.88
N GLU A 191 21.60 -0.48 9.00
CA GLU A 191 20.63 -1.55 9.10
C GLU A 191 19.37 -1.21 8.31
N VAL A 192 19.02 0.07 8.27
CA VAL A 192 17.90 0.54 7.45
C VAL A 192 18.27 0.33 5.97
N VAL A 193 19.48 0.76 5.61
CA VAL A 193 20.02 0.54 4.28
C VAL A 193 20.03 -0.95 3.89
N ALA A 194 20.46 -1.81 4.81
CA ALA A 194 20.50 -3.26 4.56
C ALA A 194 19.12 -3.86 4.37
N SER A 195 18.15 -3.34 5.13
CA SER A 195 16.75 -3.72 4.99
C SER A 195 16.20 -3.38 3.61
N LEU A 196 16.36 -2.12 3.20
CA LEU A 196 15.94 -1.68 1.87
C LEU A 196 16.52 -2.57 0.77
N ARG A 197 17.83 -2.86 0.89
CA ARG A 197 18.50 -3.75 -0.06
C ARG A 197 17.85 -5.15 -0.11
N GLY A 198 17.49 -5.69 1.05
CA GLY A 198 16.85 -7.01 1.11
C GLY A 198 15.51 -6.94 0.41
N SER A 199 14.82 -5.81 0.61
CA SER A 199 13.50 -5.58 0.05
C SER A 199 13.45 -5.47 -1.47
N PHE A 200 14.41 -4.79 -2.07
CA PHE A 200 14.52 -4.74 -3.52
C PHE A 200 14.56 -6.18 -4.04
N GLU A 201 15.43 -6.99 -3.43
CA GLU A 201 15.60 -8.37 -3.84
C GLU A 201 14.29 -9.14 -3.68
N ALA A 202 13.64 -8.96 -2.53
CA ALA A 202 12.37 -9.65 -2.28
C ALA A 202 11.28 -9.27 -3.28
N VAL A 203 11.20 -7.99 -3.61
CA VAL A 203 10.14 -7.49 -4.51
C VAL A 203 10.34 -7.92 -5.97
N GLU A 204 11.58 -7.87 -6.44
CA GLU A 204 11.86 -8.23 -7.83
C GLU A 204 11.71 -9.74 -8.05
N LYS A 205 11.60 -10.51 -6.96
CA LYS A 205 11.34 -11.94 -7.04
C LYS A 205 9.84 -12.29 -7.06
N LEU A 206 8.99 -11.33 -6.68
CA LEU A 206 7.56 -11.61 -6.55
C LEU A 206 6.92 -11.95 -7.89
N SER A 207 6.04 -12.96 -7.88
CA SER A 207 5.15 -13.19 -9.01
C SER A 207 4.24 -11.97 -9.11
N CYS A 208 4.31 -11.26 -10.23
CA CYS A 208 3.80 -9.90 -10.26
C CYS A 208 3.21 -9.49 -11.62
N ASP A 209 1.98 -9.91 -11.90
CA ASP A 209 1.30 -9.51 -13.12
C ASP A 209 0.81 -8.07 -13.08
N ILE A 210 0.21 -7.68 -11.96
CA ILE A 210 -0.33 -6.34 -11.78
C ILE A 210 0.25 -5.74 -10.52
N ALA A 211 0.99 -4.64 -10.67
CA ALA A 211 1.53 -3.92 -9.53
C ALA A 211 0.74 -2.65 -9.28
N ILE A 212 0.36 -2.47 -8.02
CA ILE A 212 -0.26 -1.22 -7.57
C ILE A 212 0.72 -0.67 -6.54
N ALA A 213 1.34 0.46 -6.87
CA ALA A 213 2.31 1.06 -5.95
C ALA A 213 1.59 2.00 -5.00
N ALA A 214 2.00 1.96 -3.73
CA ALA A 214 1.40 2.80 -2.69
C ALA A 214 1.31 4.25 -3.17
N HIS A 215 2.38 4.75 -3.81
CA HIS A 215 2.30 5.97 -4.63
C HIS A 215 2.00 5.58 -6.06
N PRO A 216 0.73 5.72 -6.50
CA PRO A 216 0.23 5.10 -7.74
C PRO A 216 1.05 5.39 -8.99
N GLU A 217 1.61 6.59 -9.09
CA GLU A 217 2.43 6.96 -10.28
C GLU A 217 3.75 6.18 -10.39
N VAL A 218 4.15 5.51 -9.30
CA VAL A 218 5.36 4.71 -9.32
C VAL A 218 5.23 3.54 -10.32
N ASN A 219 4.00 3.10 -10.59
CA ASN A 219 3.76 2.15 -11.70
C ASN A 219 2.73 2.71 -12.69
N ASP A 220 2.81 4.03 -12.93
CA ASP A 220 2.08 4.72 -14.01
C ASP A 220 0.56 4.53 -13.95
N MET A 221 -0.01 4.57 -12.75
CA MET A 221 -1.41 4.20 -12.59
C MET A 221 -2.31 5.01 -13.55
N TRP A 222 -2.10 6.31 -13.57
CA TRP A 222 -2.95 7.24 -14.32
C TRP A 222 -2.90 7.02 -15.81
N THR A 223 -1.71 6.74 -16.32
CA THR A 223 -1.55 6.39 -17.71
C THR A 223 -2.26 5.08 -18.08
N ARG A 224 -2.06 4.05 -17.26
CA ARG A 224 -2.62 2.72 -17.52
C ARG A 224 -4.15 2.76 -17.49
N GLN A 225 -4.68 3.57 -16.57
CA GLN A 225 -6.12 3.72 -16.39
C GLN A 225 -6.77 4.37 -17.60
N GLN A 226 -6.16 5.44 -18.10
CA GLN A 226 -6.63 6.10 -19.33
C GLN A 226 -6.66 5.11 -20.49
N ARG A 227 -5.61 4.30 -20.61
CA ARG A 227 -5.59 3.27 -21.62
C ARG A 227 -6.64 2.17 -21.40
N ALA A 228 -7.08 2.02 -20.15
CA ALA A 228 -8.00 0.95 -19.78
C ALA A 228 -9.37 1.12 -20.46
N ALA A 229 -9.78 2.36 -20.70
CA ALA A 229 -11.00 2.65 -21.45
C ALA A 229 -10.97 2.03 -22.83
N LYS A 230 -9.79 2.06 -23.46
CA LYS A 230 -9.63 1.57 -24.81
C LYS A 230 -9.36 0.07 -24.86
N GLU A 231 -8.38 -0.43 -24.11
CA GLU A 231 -8.03 -1.86 -24.21
C GLU A 231 -8.53 -2.74 -23.05
N GLY A 232 -9.30 -2.16 -22.13
CA GLY A 232 -9.75 -2.90 -20.96
C GLY A 232 -8.62 -3.10 -19.94
N ASN A 233 -8.88 -3.98 -18.97
CA ASN A 233 -8.06 -4.08 -17.77
C ASN A 233 -6.64 -4.66 -17.95
N SER A 234 -6.37 -5.26 -19.12
CA SER A 234 -5.04 -5.72 -19.50
C SER A 234 -4.00 -4.57 -19.50
N ALA A 235 -4.49 -3.34 -19.50
CA ALA A 235 -3.63 -2.15 -19.46
C ALA A 235 -2.87 -2.06 -18.13
N TYR A 236 -3.41 -2.63 -17.07
CA TYR A 236 -2.75 -2.63 -15.76
C TYR A 236 -1.77 -3.78 -15.63
N VAL A 237 -1.86 -4.73 -16.55
CA VAL A 237 -1.04 -5.92 -16.55
C VAL A 237 0.33 -5.64 -17.16
N ASP A 238 1.38 -5.95 -16.40
CA ASP A 238 2.74 -5.76 -16.84
C ASP A 238 3.64 -6.47 -15.83
N ASN A 239 4.14 -7.65 -16.20
CA ASN A 239 4.84 -8.50 -15.24
C ASN A 239 6.30 -8.10 -14.99
N GLY A 240 6.75 -7.01 -15.60
CA GLY A 240 8.05 -6.44 -15.26
C GLY A 240 7.91 -5.33 -14.22
N ALA A 241 6.68 -5.04 -13.81
CA ALA A 241 6.39 -3.90 -12.95
C ALA A 241 7.08 -3.94 -11.59
N CYS A 242 7.09 -5.08 -10.91
CA CYS A 242 7.74 -5.18 -9.60
C CYS A 242 9.27 -5.06 -9.74
N ARG A 243 9.82 -5.68 -10.80
CA ARG A 243 11.25 -5.52 -11.10
C ARG A 243 11.62 -4.04 -11.31
N ALA A 244 10.75 -3.27 -11.99
CA ALA A 244 11.00 -1.84 -12.28
C ALA A 244 10.91 -0.96 -11.04
N ILE A 245 9.96 -1.25 -10.16
CA ILE A 245 9.85 -0.56 -8.87
C ILE A 245 11.12 -0.80 -8.02
N ALA A 246 11.58 -2.05 -7.97
CA ALA A 246 12.78 -2.39 -7.20
C ALA A 246 14.03 -1.72 -7.77
N ALA A 247 14.16 -1.70 -9.09
CA ALA A 247 15.30 -1.07 -9.77
C ALA A 247 15.33 0.43 -9.50
N ALA A 248 14.17 1.07 -9.55
CA ALA A 248 14.07 2.49 -9.22
C ALA A 248 14.39 2.77 -7.75
N GLY A 249 14.03 1.85 -6.86
CA GLY A 249 14.41 1.98 -5.44
C GLY A 249 15.94 1.90 -5.30
N ARG A 250 16.53 0.91 -5.96
CA ARG A 250 17.96 0.68 -5.92
C ARG A 250 18.74 1.90 -6.40
N LYS A 251 18.40 2.39 -7.60
CA LYS A 251 19.06 3.58 -8.15
C LYS A 251 18.84 4.80 -7.25
N ARG A 252 17.62 4.96 -6.74
CA ARG A 252 17.34 6.05 -5.81
C ARG A 252 18.19 6.01 -4.52
N LEU A 253 18.35 4.82 -3.94
CA LEU A 253 19.19 4.67 -2.74
C LEU A 253 20.64 5.03 -3.00
N GLU A 254 21.20 4.57 -4.12
CA GLU A 254 22.59 4.88 -4.46
C GLU A 254 22.77 6.40 -4.58
N THR A 255 21.81 7.06 -5.23
CA THR A 255 21.77 8.52 -5.36
C THR A 255 21.72 9.22 -4.00
N ARG A 256 20.82 8.77 -3.14
CA ARG A 256 20.65 9.37 -1.81
C ARG A 256 21.93 9.25 -0.96
N LEU A 257 22.55 8.06 -0.96
CA LEU A 257 23.76 7.84 -0.16
C LEU A 257 24.91 8.75 -0.59
N ALA A 258 25.16 8.81 -1.89
CA ALA A 258 26.17 9.69 -2.45
C ALA A 258 25.90 11.15 -2.06
N SER A 259 24.70 11.63 -2.35
CA SER A 259 24.32 13.02 -2.03
C SER A 259 24.51 13.38 -0.55
N GLU A 260 24.37 12.41 0.34
CA GLU A 260 24.53 12.63 1.79
C GLU A 260 25.98 12.84 2.26
N LYS A 261 26.95 12.43 1.43
CA LYS A 261 28.37 12.64 1.74
C LYS A 261 28.79 14.08 1.42
ZN ZN B . 6.28 6.72 3.43
ZN ZN C . 3.97 7.86 0.91
NA NA D . 2.55 -2.78 7.49
NA NA E . -13.70 10.67 -5.04
OXT MCR F . 7.65 6.86 -0.90
C MCR F . 6.84 7.11 0.03
O MCR F . 5.97 6.28 0.39
CA MCR F . 6.91 8.46 0.71
S2 MCR F . 5.88 8.48 2.20
#